data_5HO7
#
_entry.id   5HO7
#
_cell.length_a   124.050
_cell.length_b   124.050
_cell.length_c   47.220
_cell.angle_alpha   90.00
_cell.angle_beta   90.00
_cell.angle_gamma   120.00
#
_symmetry.space_group_name_H-M   'P 32 2 1'
#
loop_
_entity.id
_entity.type
_entity.pdbx_description
1 polymer '3-phosphoinositide-dependent protein kinase 1'
2 non-polymer 5-amino-3-(methylsulfanyl)-1H-pyrazole-1,4-dicarboxamide
3 non-polymer 'SULFATE ION'
4 water water
#
_entity_poly.entity_id   1
_entity_poly.type   'polypeptide(L)'
_entity_poly.pdbx_seq_one_letter_code
;MDGTAAEPRPGAGSLQHAQPPPQPRKKRPEDFKFGKILGEGSFSTVVLARELATSREYAIKILEKRHIIKENKVPYVTRE
RDVMSRLDHPFFVKLYFTFQDDEKLYFGLSYAKNGELLKYIRKIGSFDETCTRFYTAEIVSALEYLHGKGIIHRDLKPEN
ILLNEDMHIQITDFGTAKVLSPESKQARAN(SEP)FVGTAQYVSPELLTEKSACKSSDLWALGCIIYQLVAGLPPFRAGN
EYLIFQKIIKLEYDFPEKFFPKARDLVEKLLVLDATKRLGCEEMEGYGPLKAHPFFESVTWENLHQQTPPKLT
;
_entity_poly.pdbx_strand_id   A
#
loop_
_chem_comp.id
_chem_comp.type
_chem_comp.name
_chem_comp.formula
63L non-polymer 5-amino-3-(methylsulfanyl)-1H-pyrazole-1,4-dicarboxamide 'C6 H9 N5 O2 S'
SO4 non-polymer 'SULFATE ION' 'O4 S -2'
#
# COMPACT_ATOMS: atom_id res chain seq x y z
N PRO A 21 11.19 17.58 24.79
CA PRO A 21 11.98 18.65 24.16
C PRO A 21 11.14 19.54 23.22
N PRO A 22 11.61 20.75 22.82
CA PRO A 22 10.80 21.55 21.89
C PRO A 22 10.79 20.99 20.46
N GLN A 23 9.93 21.56 19.59
CA GLN A 23 9.78 21.17 18.18
C GLN A 23 10.28 22.28 17.23
N PRO A 24 10.68 21.98 15.97
CA PRO A 24 11.10 23.07 15.08
C PRO A 24 9.89 23.92 14.70
N ARG A 25 10.05 25.28 14.77
CA ARG A 25 9.04 26.31 14.48
C ARG A 25 8.01 25.87 13.43
N LYS A 26 6.70 25.97 13.79
CA LYS A 26 5.61 25.54 12.94
C LYS A 26 5.74 26.09 11.55
N LYS A 27 5.76 25.20 10.56
CA LYS A 27 5.92 25.55 9.15
C LYS A 27 4.61 26.17 8.64
N ARG A 28 4.72 27.09 7.69
CA ARG A 28 3.58 27.78 7.08
C ARG A 28 3.64 27.60 5.54
N PRO A 29 2.53 27.79 4.75
CA PRO A 29 2.62 27.57 3.28
C PRO A 29 3.67 28.43 2.58
N GLU A 30 3.97 29.59 3.19
CA GLU A 30 4.92 30.60 2.76
C GLU A 30 6.39 30.13 2.80
N ASP A 31 6.66 29.01 3.46
CA ASP A 31 7.98 28.39 3.60
C ASP A 31 8.27 27.40 2.47
N PHE A 32 7.38 27.37 1.43
CA PHE A 32 7.45 26.42 0.32
C PHE A 32 7.26 27.00 -1.06
N LYS A 33 7.98 26.42 -2.04
CA LYS A 33 7.81 26.73 -3.45
C LYS A 33 7.12 25.47 -3.96
N PHE A 34 5.77 25.55 -4.09
CA PHE A 34 4.90 24.48 -4.55
C PHE A 34 5.03 24.31 -6.05
N GLY A 35 5.21 23.08 -6.50
CA GLY A 35 5.37 22.72 -7.89
C GLY A 35 4.23 21.92 -8.49
N LYS A 36 4.57 20.88 -9.27
CA LYS A 36 3.61 20.00 -9.96
C LYS A 36 2.69 19.24 -9.01
N ILE A 37 1.47 18.94 -9.45
CA ILE A 37 0.58 18.09 -8.67
C ILE A 37 1.12 16.67 -8.89
N LEU A 38 1.25 15.87 -7.82
CA LEU A 38 1.74 14.48 -7.87
C LEU A 38 0.62 13.44 -7.93
N GLY A 39 -0.53 13.80 -7.38
CA GLY A 39 -1.72 12.96 -7.34
C GLY A 39 -2.93 13.74 -6.88
N GLU A 40 -4.11 13.23 -7.26
CA GLU A 40 -5.37 13.86 -6.91
C GLU A 40 -6.35 12.82 -6.39
N GLY A 41 -6.76 13.00 -5.14
CA GLY A 41 -7.74 12.14 -4.50
C GLY A 41 -9.09 12.83 -4.45
N SER A 42 -10.05 12.16 -3.81
CA SER A 42 -11.42 12.63 -3.60
C SER A 42 -11.46 13.80 -2.62
N PHE A 43 -10.74 13.67 -1.47
CA PHE A 43 -10.67 14.66 -0.38
C PHE A 43 -9.40 15.54 -0.38
N SER A 44 -8.31 15.08 -1.04
CA SER A 44 -7.03 15.81 -1.12
C SER A 44 -6.40 15.97 -2.54
N THR A 45 -5.22 16.62 -2.57
CA THR A 45 -4.36 16.85 -3.73
C THR A 45 -2.93 16.85 -3.21
N VAL A 46 -2.11 15.89 -3.67
CA VAL A 46 -0.70 15.82 -3.30
C VAL A 46 0.13 16.67 -4.30
N VAL A 47 0.87 17.68 -3.80
CA VAL A 47 1.66 18.62 -4.61
C VAL A 47 3.13 18.51 -4.20
N LEU A 48 4.04 18.55 -5.15
CA LEU A 48 5.46 18.51 -4.88
C LEU A 48 5.93 19.90 -4.45
N ALA A 49 6.44 20.07 -3.24
CA ALA A 49 6.96 21.38 -2.86
C ALA A 49 8.39 21.33 -2.35
N ARG A 50 9.10 22.45 -2.50
CA ARG A 50 10.49 22.58 -2.08
C ARG A 50 10.58 23.53 -0.87
N GLU A 51 11.00 22.96 0.29
CA GLU A 51 11.19 23.74 1.51
C GLU A 51 12.23 24.79 1.18
N LEU A 52 11.91 26.09 1.36
CA LEU A 52 12.81 27.14 0.91
C LEU A 52 14.16 27.13 1.59
N ALA A 53 14.21 27.18 2.95
CA ALA A 53 15.43 27.16 3.78
C ALA A 53 16.32 25.92 3.58
N THR A 54 15.72 24.71 3.57
CA THR A 54 16.43 23.46 3.47
C THR A 54 16.60 22.92 2.04
N SER A 55 15.86 23.48 1.06
CA SER A 55 15.82 23.05 -0.36
C SER A 55 15.44 21.56 -0.57
N ARG A 56 14.66 21.04 0.38
CA ARG A 56 14.19 19.66 0.40
C ARG A 56 12.87 19.53 -0.30
N GLU A 57 12.61 18.37 -0.90
CA GLU A 57 11.35 18.10 -1.56
C GLU A 57 10.48 17.18 -0.70
N TYR A 58 9.24 17.63 -0.44
CA TYR A 58 8.19 16.86 0.24
C TYR A 58 7.00 16.77 -0.69
N ALA A 59 6.16 15.79 -0.45
CA ALA A 59 4.90 15.55 -1.16
C ALA A 59 3.84 16.09 -0.20
N ILE A 60 3.38 17.30 -0.44
CA ILE A 60 2.44 17.88 0.50
C ILE A 60 1.03 17.48 0.13
N LYS A 61 0.35 16.75 1.02
CA LYS A 61 -1.05 16.38 0.81
C LYS A 61 -1.91 17.58 1.28
N ILE A 62 -2.68 18.20 0.36
CA ILE A 62 -3.52 19.36 0.72
C ILE A 62 -5.02 18.99 0.71
N LEU A 63 -5.61 19.01 1.92
CA LEU A 63 -7.02 18.69 2.20
C LEU A 63 -7.77 19.98 2.55
N GLU A 64 -9.02 20.17 2.04
CA GLU A 64 -9.85 21.35 2.33
C GLU A 64 -10.84 21.07 3.48
N LYS A 65 -10.70 21.82 4.60
CA LYS A 65 -11.48 21.65 5.83
C LYS A 65 -13.00 21.64 5.60
N ARG A 66 -13.57 22.66 4.94
CA ARG A 66 -15.01 22.70 4.66
C ARG A 66 -15.48 21.40 4.02
N HIS A 67 -14.82 21.00 2.92
CA HIS A 67 -15.09 19.79 2.14
C HIS A 67 -15.07 18.52 3.01
N ILE A 68 -14.09 18.39 3.93
CA ILE A 68 -13.97 17.22 4.84
C ILE A 68 -15.17 17.18 5.78
N ILE A 69 -15.54 18.36 6.35
CA ILE A 69 -16.64 18.54 7.28
C ILE A 69 -17.95 18.21 6.59
N LYS A 70 -18.20 18.84 5.41
CA LYS A 70 -19.36 18.64 4.56
C LYS A 70 -19.55 17.17 4.21
N GLU A 71 -18.47 16.47 3.85
CA GLU A 71 -18.52 15.05 3.48
C GLU A 71 -18.32 14.06 4.66
N ASN A 72 -18.31 14.58 5.92
CA ASN A 72 -18.12 13.84 7.18
C ASN A 72 -16.93 12.90 7.13
N LYS A 73 -15.72 13.46 6.92
CA LYS A 73 -14.48 12.69 6.82
C LYS A 73 -13.49 12.97 7.94
N VAL A 74 -13.92 13.73 8.98
CA VAL A 74 -13.08 14.11 10.13
C VAL A 74 -12.39 12.85 10.74
N PRO A 75 -13.07 11.68 11.00
CA PRO A 75 -12.34 10.51 11.50
C PRO A 75 -11.32 9.96 10.50
N TYR A 76 -11.66 9.96 9.19
CA TYR A 76 -10.80 9.51 8.09
C TYR A 76 -9.48 10.28 8.12
N VAL A 77 -9.54 11.63 8.22
CA VAL A 77 -8.39 12.52 8.24
C VAL A 77 -7.63 12.37 9.54
N THR A 78 -8.35 12.40 10.70
CA THR A 78 -7.76 12.21 12.03
C THR A 78 -6.95 10.91 12.10
N ARG A 79 -7.56 9.77 11.70
CA ARG A 79 -6.94 8.45 11.66
C ARG A 79 -5.67 8.46 10.83
N GLU A 80 -5.74 9.03 9.59
CA GLU A 80 -4.64 9.13 8.62
C GLU A 80 -3.41 9.77 9.23
N ARG A 81 -3.60 10.96 9.86
CA ARG A 81 -2.54 11.72 10.53
C ARG A 81 -1.94 10.90 11.67
N ASP A 82 -2.80 10.18 12.43
CA ASP A 82 -2.40 9.39 13.56
C ASP A 82 -1.61 8.14 13.21
N VAL A 83 -2.02 7.40 12.17
CA VAL A 83 -1.33 6.19 11.73
C VAL A 83 0.05 6.55 11.19
N MET A 84 0.10 7.53 10.26
CA MET A 84 1.30 8.03 9.62
C MET A 84 2.32 8.53 10.63
N SER A 85 1.86 8.91 11.83
CA SER A 85 2.70 9.36 12.92
C SER A 85 3.36 8.16 13.59
N ARG A 86 2.63 7.05 13.77
CA ARG A 86 3.20 5.88 14.43
C ARG A 86 4.02 4.97 13.47
N LEU A 87 4.05 5.27 12.17
CA LEU A 87 4.86 4.50 11.22
C LEU A 87 6.25 5.07 11.16
N ASP A 88 7.27 4.20 11.29
CA ASP A 88 8.69 4.52 11.21
C ASP A 88 9.43 3.30 10.61
N HIS A 89 9.32 3.11 9.28
CA HIS A 89 9.92 1.97 8.56
C HIS A 89 10.30 2.37 7.11
N PRO A 90 11.46 1.89 6.55
CA PRO A 90 11.85 2.30 5.19
C PRO A 90 10.84 2.03 4.08
N PHE A 91 9.81 1.22 4.33
CA PHE A 91 8.86 0.92 3.27
C PHE A 91 7.58 1.71 3.39
N PHE A 92 7.60 2.74 4.24
CA PHE A 92 6.42 3.57 4.47
C PHE A 92 6.69 5.04 4.33
N VAL A 93 5.67 5.75 3.83
CA VAL A 93 5.68 7.19 3.63
C VAL A 93 5.86 7.84 5.01
N LYS A 94 6.78 8.79 5.13
CA LYS A 94 6.94 9.40 6.43
C LYS A 94 6.19 10.70 6.47
N LEU A 95 5.57 10.99 7.64
CA LEU A 95 4.89 12.26 7.86
C LEU A 95 5.91 13.14 8.64
N TYR A 96 6.47 14.13 7.95
CA TYR A 96 7.47 15.02 8.53
C TYR A 96 6.86 16.13 9.35
N PHE A 97 5.70 16.64 8.91
CA PHE A 97 5.03 17.75 9.59
C PHE A 97 3.62 17.86 9.09
N THR A 98 2.82 18.68 9.79
CA THR A 98 1.45 19.07 9.49
C THR A 98 1.29 20.50 9.98
N PHE A 99 0.60 21.30 9.19
CA PHE A 99 0.25 22.67 9.48
C PHE A 99 -1.09 22.94 8.82
N GLN A 100 -1.63 24.18 9.01
CA GLN A 100 -2.92 24.57 8.47
C GLN A 100 -3.16 26.05 8.43
N ASP A 101 -3.85 26.49 7.38
CA ASP A 101 -4.28 27.87 7.28
C ASP A 101 -5.79 27.91 7.60
N ASP A 102 -6.47 29.03 7.27
CA ASP A 102 -7.90 29.19 7.50
C ASP A 102 -8.76 28.15 6.77
N GLU A 103 -8.35 27.82 5.55
CA GLU A 103 -9.12 26.94 4.69
C GLU A 103 -8.62 25.50 4.61
N LYS A 104 -7.30 25.30 4.53
CA LYS A 104 -6.75 23.97 4.27
C LYS A 104 -5.84 23.39 5.36
N LEU A 105 -5.57 22.08 5.20
CA LEU A 105 -4.70 21.25 6.04
C LEU A 105 -3.55 20.80 5.16
N TYR A 106 -2.33 20.88 5.67
CA TYR A 106 -1.14 20.49 4.91
C TYR A 106 -0.43 19.33 5.62
N PHE A 107 -0.14 18.23 4.89
CA PHE A 107 0.60 17.08 5.46
C PHE A 107 1.87 16.93 4.65
N GLY A 108 3.00 16.98 5.34
CA GLY A 108 4.31 16.85 4.73
C GLY A 108 4.75 15.41 4.62
N LEU A 109 4.63 14.85 3.41
CA LEU A 109 4.97 13.45 3.17
C LEU A 109 6.27 13.27 2.41
N SER A 110 6.96 12.10 2.60
CA SER A 110 8.20 11.79 1.88
C SER A 110 7.90 11.64 0.41
N TYR A 111 8.75 12.16 -0.47
CA TYR A 111 8.49 12.16 -1.91
C TYR A 111 9.22 11.01 -2.66
N ALA A 112 8.40 10.13 -3.29
CA ALA A 112 8.79 8.99 -4.11
C ALA A 112 8.81 9.46 -5.60
N LYS A 113 10.02 9.79 -6.12
CA LYS A 113 10.25 10.27 -7.49
C LYS A 113 9.80 9.34 -8.64
N ASN A 114 9.78 8.00 -8.40
CA ASN A 114 9.48 7.04 -9.47
C ASN A 114 8.00 6.63 -9.56
N GLY A 115 7.17 7.24 -8.71
CA GLY A 115 5.72 7.05 -8.71
C GLY A 115 5.20 5.66 -8.41
N GLU A 116 4.08 5.28 -9.04
CA GLU A 116 3.39 4.00 -8.85
C GLU A 116 4.15 2.77 -9.36
N LEU A 117 3.90 1.63 -8.70
CA LEU A 117 4.44 0.32 -9.09
C LEU A 117 3.72 -0.10 -10.39
N LEU A 118 2.44 0.28 -10.49
CA LEU A 118 1.57 0.04 -11.63
C LEU A 118 2.21 0.57 -12.92
N LYS A 119 2.89 1.75 -12.84
CA LYS A 119 3.64 2.40 -13.90
C LYS A 119 4.65 1.41 -14.48
N TYR A 120 5.41 0.70 -13.61
CA TYR A 120 6.43 -0.27 -13.97
C TYR A 120 5.84 -1.58 -14.42
N ILE A 121 4.61 -1.91 -13.95
CA ILE A 121 3.88 -3.10 -14.40
C ILE A 121 3.50 -2.81 -15.90
N ARG A 122 2.83 -1.64 -16.15
CA ARG A 122 2.43 -1.20 -17.51
C ARG A 122 3.61 -1.08 -18.49
N LYS A 123 4.77 -0.57 -18.00
CA LYS A 123 5.99 -0.32 -18.76
C LYS A 123 6.65 -1.57 -19.26
N ILE A 124 7.01 -2.50 -18.37
CA ILE A 124 7.73 -3.71 -18.77
C ILE A 124 6.77 -4.87 -19.12
N GLY A 125 5.48 -4.68 -18.81
CA GLY A 125 4.43 -5.66 -19.10
C GLY A 125 4.17 -6.61 -17.96
N SER A 126 5.17 -7.43 -17.64
CA SER A 126 5.12 -8.42 -16.57
C SER A 126 6.52 -8.46 -15.95
N PHE A 127 6.61 -8.78 -14.65
CA PHE A 127 7.88 -8.84 -13.93
C PHE A 127 8.53 -10.21 -14.05
N ASP A 128 9.88 -10.26 -14.05
CA ASP A 128 10.61 -11.54 -14.07
C ASP A 128 10.70 -12.11 -12.65
N GLU A 129 11.12 -13.40 -12.49
CA GLU A 129 11.17 -14.06 -11.19
C GLU A 129 12.00 -13.33 -10.13
N THR A 130 13.19 -12.81 -10.49
CA THR A 130 14.06 -12.07 -9.58
C THR A 130 13.38 -10.79 -9.07
N CYS A 131 12.74 -10.04 -9.97
CA CYS A 131 12.04 -8.81 -9.65
C CYS A 131 10.77 -9.02 -8.87
N THR A 132 9.98 -10.05 -9.24
CA THR A 132 8.75 -10.41 -8.54
C THR A 132 9.14 -10.78 -7.09
N ARG A 133 10.18 -11.65 -6.93
CA ARG A 133 10.68 -12.05 -5.63
C ARG A 133 11.18 -10.86 -4.78
N PHE A 134 11.86 -9.87 -5.39
CA PHE A 134 12.35 -8.73 -4.63
C PHE A 134 11.23 -7.86 -4.04
N TYR A 135 10.40 -7.27 -4.92
CA TYR A 135 9.33 -6.36 -4.53
C TYR A 135 8.26 -7.06 -3.73
N THR A 136 8.07 -8.39 -3.96
CA THR A 136 7.12 -9.16 -3.18
C THR A 136 7.62 -9.22 -1.76
N ALA A 137 8.87 -9.66 -1.58
CA ALA A 137 9.48 -9.73 -0.25
C ALA A 137 9.40 -8.38 0.47
N GLU A 138 9.77 -7.24 -0.20
CA GLU A 138 9.66 -5.88 0.33
C GLU A 138 8.25 -5.62 0.89
N ILE A 139 7.21 -5.97 0.09
CA ILE A 139 5.79 -5.85 0.44
C ILE A 139 5.48 -6.72 1.64
N VAL A 140 5.99 -7.97 1.67
CA VAL A 140 5.75 -8.89 2.78
C VAL A 140 6.28 -8.29 4.10
N SER A 141 7.52 -7.86 4.05
CA SER A 141 8.28 -7.22 5.13
C SER A 141 7.53 -5.97 5.68
N ALA A 142 7.04 -5.10 4.77
CA ALA A 142 6.28 -3.89 5.12
C ALA A 142 5.01 -4.27 5.91
N LEU A 143 4.26 -5.27 5.40
CA LEU A 143 3.03 -5.80 5.98
C LEU A 143 3.28 -6.48 7.33
N GLU A 144 4.46 -7.11 7.51
CA GLU A 144 4.85 -7.73 8.77
C GLU A 144 4.96 -6.66 9.82
N TYR A 145 5.58 -5.50 9.46
CA TYR A 145 5.77 -4.35 10.33
C TYR A 145 4.44 -3.70 10.74
N LEU A 146 3.64 -3.29 9.69
CA LEU A 146 2.34 -2.64 9.81
C LEU A 146 1.43 -3.43 10.77
N HIS A 147 1.30 -4.75 10.49
CA HIS A 147 0.47 -5.65 11.27
C HIS A 147 1.04 -5.87 12.66
N GLY A 148 2.39 -5.83 12.77
CA GLY A 148 3.10 -5.93 14.03
C GLY A 148 2.64 -4.81 14.94
N LYS A 149 2.32 -3.65 14.35
CA LYS A 149 1.82 -2.47 15.05
C LYS A 149 0.28 -2.49 15.23
N GLY A 150 -0.38 -3.52 14.71
CA GLY A 150 -1.83 -3.67 14.78
C GLY A 150 -2.60 -2.68 13.95
N ILE A 151 -2.24 -2.58 12.66
CA ILE A 151 -2.86 -1.67 11.69
C ILE A 151 -3.14 -2.49 10.42
N ILE A 152 -4.30 -2.29 9.80
CA ILE A 152 -4.68 -2.93 8.55
C ILE A 152 -4.67 -1.82 7.47
N HIS A 153 -3.99 -2.02 6.31
CA HIS A 153 -4.01 -1.03 5.24
C HIS A 153 -5.43 -0.83 4.69
N ARG A 154 -6.20 -1.96 4.53
CA ARG A 154 -7.59 -2.01 4.07
C ARG A 154 -7.80 -1.56 2.61
N ASP A 155 -6.77 -1.08 1.93
CA ASP A 155 -6.88 -0.65 0.53
C ASP A 155 -5.56 -0.87 -0.22
N LEU A 156 -4.67 -1.77 0.27
CA LEU A 156 -3.37 -2.03 -0.37
C LEU A 156 -3.46 -2.43 -1.87
N LYS A 157 -2.82 -1.65 -2.76
CA LYS A 157 -2.84 -1.92 -4.21
C LYS A 157 -1.59 -1.37 -4.95
N PRO A 158 -1.30 -1.78 -6.23
CA PRO A 158 -0.13 -1.22 -6.95
C PRO A 158 -0.14 0.30 -7.14
N GLU A 159 -1.33 0.93 -6.92
CA GLU A 159 -1.51 2.38 -6.93
C GLU A 159 -0.98 3.03 -5.61
N ASN A 160 -1.06 2.30 -4.48
CA ASN A 160 -0.56 2.77 -3.18
C ASN A 160 0.94 2.41 -2.93
N ILE A 161 1.53 1.55 -3.79
CA ILE A 161 2.90 1.15 -3.59
C ILE A 161 3.76 2.04 -4.46
N LEU A 162 4.31 3.09 -3.82
CA LEU A 162 5.18 4.02 -4.52
C LEU A 162 6.63 3.55 -4.56
N LEU A 163 7.41 4.12 -5.48
CA LEU A 163 8.80 3.78 -5.69
C LEU A 163 9.66 5.02 -5.55
N ASN A 164 10.56 5.01 -4.56
CA ASN A 164 11.43 6.17 -4.32
C ASN A 164 12.55 6.20 -5.37
N GLU A 165 13.43 7.21 -5.27
CA GLU A 165 14.57 7.44 -6.16
C GLU A 165 15.46 6.20 -6.34
N ASP A 166 15.69 5.46 -5.23
CA ASP A 166 16.56 4.29 -5.11
C ASP A 166 15.83 2.98 -5.39
N MET A 167 14.63 3.07 -5.98
CA MET A 167 13.77 1.99 -6.45
C MET A 167 13.23 1.02 -5.35
N HIS A 168 13.28 1.43 -4.08
CA HIS A 168 12.66 0.69 -2.97
C HIS A 168 11.19 1.17 -2.78
N ILE A 169 10.29 0.25 -2.37
CA ILE A 169 8.85 0.53 -2.15
C ILE A 169 8.60 1.53 -0.99
N GLN A 170 7.53 2.32 -1.12
CA GLN A 170 7.10 3.29 -0.10
C GLN A 170 5.58 3.26 -0.12
N ILE A 171 4.97 2.54 0.81
CA ILE A 171 3.52 2.38 0.88
C ILE A 171 2.84 3.62 1.47
N THR A 172 1.73 4.04 0.86
CA THR A 172 1.00 5.22 1.28
C THR A 172 -0.53 4.99 1.25
N ASP A 173 -1.34 6.04 1.60
CA ASP A 173 -2.81 6.01 1.62
C ASP A 173 -3.38 5.36 2.89
N PHE A 174 -3.27 6.06 4.01
CA PHE A 174 -3.71 5.53 5.30
C PHE A 174 -5.06 6.09 5.84
N GLY A 175 -5.81 6.85 5.02
CA GLY A 175 -7.12 7.37 5.40
C GLY A 175 -8.08 6.22 5.67
N THR A 176 -8.06 5.22 4.77
CA THR A 176 -8.81 3.96 4.76
C THR A 176 -8.41 3.01 5.91
N ALA A 177 -7.14 3.08 6.36
CA ALA A 177 -6.54 2.19 7.37
C ALA A 177 -7.31 2.10 8.69
N LYS A 178 -7.29 0.92 9.32
CA LYS A 178 -7.97 0.62 10.59
C LYS A 178 -6.97 0.21 11.66
N VAL A 179 -7.06 0.82 12.85
CA VAL A 179 -6.18 0.44 13.96
C VAL A 179 -7.05 -0.41 14.87
N LEU A 180 -6.67 -1.68 15.05
CA LEU A 180 -7.44 -2.63 15.87
C LEU A 180 -7.25 -2.40 17.36
N SER A 181 -8.24 -2.85 18.16
CA SER A 181 -8.24 -2.70 19.61
C SER A 181 -8.03 -4.01 20.43
N PRO A 182 -8.63 -5.21 20.10
CA PRO A 182 -8.42 -6.39 20.98
C PRO A 182 -7.29 -7.31 20.55
N SEP A 191 -17.26 -1.66 7.69
CA SEP A 191 -17.16 -0.23 7.93
CB SEP A 191 -16.23 0.05 9.16
OG SEP A 191 -14.90 0.66 8.95
C SEP A 191 -16.75 0.55 6.65
O SEP A 191 -17.14 1.71 6.47
P SEP A 191 -14.75 2.24 9.14
O1P SEP A 191 -14.75 2.93 7.76
O2P SEP A 191 -15.90 2.84 9.98
O3P SEP A 191 -13.40 2.58 9.85
N PHE A 192 -15.97 -0.10 5.76
CA PHE A 192 -15.48 0.48 4.51
C PHE A 192 -15.14 -0.61 3.49
N VAL A 193 -15.27 -0.31 2.16
CA VAL A 193 -14.95 -1.22 1.06
C VAL A 193 -13.88 -0.56 0.14
N GLY A 194 -12.72 -1.19 -0.02
CA GLY A 194 -11.62 -0.68 -0.84
C GLY A 194 -11.85 -0.75 -2.35
N THR A 195 -10.74 -0.89 -3.13
CA THR A 195 -10.73 -1.03 -4.60
C THR A 195 -11.20 -2.45 -4.91
N ALA A 196 -12.22 -2.55 -5.79
CA ALA A 196 -12.92 -3.77 -6.17
C ALA A 196 -12.03 -4.96 -6.48
N GLN A 197 -11.00 -4.76 -7.31
CA GLN A 197 -10.09 -5.82 -7.75
C GLN A 197 -9.31 -6.47 -6.63
N TYR A 198 -9.09 -5.73 -5.52
CA TYR A 198 -8.29 -6.19 -4.36
C TYR A 198 -9.17 -6.47 -3.13
N VAL A 199 -10.50 -6.21 -3.21
CA VAL A 199 -11.46 -6.48 -2.13
C VAL A 199 -11.43 -7.99 -1.79
N SER A 200 -11.42 -8.31 -0.49
CA SER A 200 -11.36 -9.69 -0.02
C SER A 200 -12.77 -10.22 0.12
N PRO A 201 -12.96 -11.56 -0.04
CA PRO A 201 -14.31 -12.13 0.00
C PRO A 201 -15.11 -11.81 1.24
N GLU A 202 -14.48 -11.90 2.45
CA GLU A 202 -15.11 -11.61 3.74
C GLU A 202 -15.74 -10.19 3.80
N LEU A 203 -15.21 -9.26 3.00
CA LEU A 203 -15.76 -7.92 2.94
C LEU A 203 -17.11 -7.85 2.23
N LEU A 204 -17.30 -8.77 1.28
CA LEU A 204 -18.52 -8.93 0.49
C LEU A 204 -19.50 -9.91 1.15
N THR A 205 -19.01 -10.80 2.03
CA THR A 205 -19.86 -11.81 2.64
C THR A 205 -20.32 -11.39 4.04
N GLU A 206 -19.39 -11.15 4.95
CA GLU A 206 -19.76 -10.79 6.32
C GLU A 206 -19.46 -9.32 6.71
N LYS A 207 -19.18 -8.43 5.70
CA LYS A 207 -18.86 -6.99 5.88
C LYS A 207 -17.64 -6.75 6.82
N SER A 208 -16.82 -7.83 7.00
CA SER A 208 -15.65 -8.00 7.87
C SER A 208 -14.28 -7.53 7.28
N ALA A 209 -13.43 -6.93 8.13
CA ALA A 209 -12.09 -6.46 7.74
C ALA A 209 -11.05 -6.86 8.82
N CYS A 210 -10.01 -7.65 8.43
CA CYS A 210 -8.95 -8.12 9.33
C CYS A 210 -7.56 -8.02 8.71
N LYS A 211 -6.50 -8.31 9.49
CA LYS A 211 -5.12 -8.24 9.01
C LYS A 211 -4.97 -9.01 7.70
N SER A 212 -5.62 -10.18 7.66
CA SER A 212 -5.70 -11.10 6.53
C SER A 212 -6.28 -10.46 5.23
N SER A 213 -7.06 -9.34 5.34
CA SER A 213 -7.63 -8.60 4.19
C SER A 213 -6.49 -8.00 3.36
N ASP A 214 -5.38 -7.68 4.03
CA ASP A 214 -4.15 -7.20 3.42
C ASP A 214 -3.40 -8.36 2.77
N LEU A 215 -3.51 -9.58 3.34
CA LEU A 215 -2.87 -10.77 2.76
C LEU A 215 -3.57 -11.25 1.50
N TRP A 216 -4.87 -10.95 1.34
CA TRP A 216 -5.59 -11.24 0.10
C TRP A 216 -5.08 -10.25 -0.98
N ALA A 217 -5.00 -8.95 -0.62
CA ALA A 217 -4.53 -7.86 -1.47
C ALA A 217 -3.12 -8.13 -2.01
N LEU A 218 -2.27 -8.76 -1.16
CA LEU A 218 -0.90 -9.15 -1.48
C LEU A 218 -0.87 -10.23 -2.59
N GLY A 219 -1.67 -11.30 -2.42
CA GLY A 219 -1.82 -12.40 -3.37
C GLY A 219 -2.22 -11.90 -4.74
N CYS A 220 -3.15 -10.93 -4.76
CA CYS A 220 -3.61 -10.22 -5.94
C CYS A 220 -2.40 -9.53 -6.64
N ILE A 221 -1.64 -8.69 -5.88
CA ILE A 221 -0.44 -7.97 -6.34
C ILE A 221 0.61 -8.94 -6.91
N ILE A 222 0.89 -10.08 -6.23
CA ILE A 222 1.86 -11.05 -6.74
C ILE A 222 1.40 -11.58 -8.10
N TYR A 223 0.11 -11.96 -8.22
CA TYR A 223 -0.46 -12.44 -9.49
C TYR A 223 -0.30 -11.34 -10.57
N GLN A 224 -0.47 -10.06 -10.18
CA GLN A 224 -0.31 -8.94 -11.10
C GLN A 224 1.16 -8.77 -11.53
N LEU A 225 2.09 -9.04 -10.61
CA LEU A 225 3.50 -8.92 -10.94
C LEU A 225 3.91 -9.93 -12.02
N VAL A 226 3.48 -11.20 -11.87
CA VAL A 226 3.78 -12.32 -12.77
C VAL A 226 2.91 -12.37 -14.05
N ALA A 227 1.62 -11.98 -13.97
CA ALA A 227 0.77 -12.08 -15.15
C ALA A 227 0.52 -10.76 -15.93
N GLY A 228 0.86 -9.62 -15.34
CA GLY A 228 0.66 -8.30 -15.94
C GLY A 228 -0.69 -7.70 -15.58
N LEU A 229 -1.66 -8.58 -15.24
CA LEU A 229 -3.03 -8.15 -14.89
C LEU A 229 -3.47 -8.69 -13.52
N PRO A 230 -4.41 -8.01 -12.81
CA PRO A 230 -4.91 -8.55 -11.54
C PRO A 230 -5.79 -9.82 -11.72
N PRO A 231 -6.01 -10.69 -10.70
CA PRO A 231 -6.69 -11.97 -10.98
C PRO A 231 -8.19 -11.92 -11.25
N PHE A 232 -8.89 -10.97 -10.65
CA PHE A 232 -10.34 -10.85 -10.80
C PHE A 232 -10.64 -9.68 -11.72
N ARG A 233 -11.04 -10.00 -12.96
CA ARG A 233 -11.30 -8.99 -13.98
C ARG A 233 -12.65 -9.22 -14.65
N ALA A 234 -13.47 -8.15 -14.78
CA ALA A 234 -14.79 -8.19 -15.40
C ALA A 234 -15.28 -6.82 -15.84
N GLY A 235 -16.47 -6.77 -16.45
CA GLY A 235 -17.09 -5.55 -16.95
C GLY A 235 -17.24 -4.49 -15.89
N ASN A 236 -18.24 -4.65 -15.03
CA ASN A 236 -18.51 -3.73 -13.92
C ASN A 236 -18.05 -4.27 -12.57
N GLU A 237 -18.25 -3.46 -11.53
CA GLU A 237 -17.94 -3.78 -10.13
C GLU A 237 -18.71 -5.01 -9.66
N TYR A 238 -20.02 -5.11 -9.99
CA TYR A 238 -20.85 -6.24 -9.56
C TYR A 238 -20.28 -7.59 -10.04
N LEU A 239 -19.86 -7.65 -11.31
CA LEU A 239 -19.31 -8.86 -11.90
C LEU A 239 -17.99 -9.28 -11.23
N ILE A 240 -17.14 -8.29 -10.86
CA ILE A 240 -15.86 -8.50 -10.20
C ILE A 240 -16.10 -9.27 -8.87
N PHE A 241 -17.03 -8.75 -8.06
CA PHE A 241 -17.38 -9.30 -6.77
C PHE A 241 -17.86 -10.75 -6.86
N GLN A 242 -18.63 -11.08 -7.91
CA GLN A 242 -19.11 -12.42 -8.16
C GLN A 242 -17.96 -13.39 -8.33
N LYS A 243 -16.91 -13.00 -9.09
CA LYS A 243 -15.72 -13.84 -9.34
C LYS A 243 -14.97 -14.07 -8.02
N ILE A 244 -14.77 -12.98 -7.24
CA ILE A 244 -14.10 -12.97 -5.96
C ILE A 244 -14.72 -13.99 -5.02
N ILE A 245 -16.05 -13.88 -4.80
CA ILE A 245 -16.79 -14.77 -3.89
C ILE A 245 -16.80 -16.23 -4.41
N LYS A 246 -16.80 -16.41 -5.75
CA LYS A 246 -16.78 -17.74 -6.40
C LYS A 246 -15.37 -18.29 -6.59
N LEU A 247 -14.34 -17.49 -6.25
CA LEU A 247 -12.90 -17.78 -6.38
C LEU A 247 -12.51 -18.05 -7.87
N GLU A 248 -13.28 -17.44 -8.77
CA GLU A 248 -13.18 -17.55 -10.21
C GLU A 248 -12.01 -16.71 -10.77
N TYR A 249 -10.85 -17.37 -10.99
CA TYR A 249 -9.61 -16.85 -11.58
C TYR A 249 -8.76 -18.04 -12.04
N ASP A 250 -7.73 -17.79 -12.87
CA ASP A 250 -6.89 -18.87 -13.42
C ASP A 250 -5.47 -18.40 -13.74
N PHE A 251 -4.48 -19.30 -13.54
CA PHE A 251 -3.06 -19.05 -13.78
C PHE A 251 -2.61 -19.36 -15.22
N PRO A 252 -1.89 -18.47 -15.87
CA PRO A 252 -1.39 -18.75 -17.21
C PRO A 252 -0.33 -19.81 -17.07
N GLU A 253 -0.11 -20.62 -18.08
CA GLU A 253 0.85 -21.71 -17.96
C GLU A 253 2.26 -21.25 -17.68
N LYS A 254 2.58 -20.07 -18.14
CA LYS A 254 3.90 -19.53 -17.95
C LYS A 254 4.27 -19.18 -16.50
N PHE A 255 3.27 -18.99 -15.66
CA PHE A 255 3.46 -18.57 -14.28
C PHE A 255 4.45 -19.43 -13.54
N PHE A 256 5.34 -18.81 -12.79
CA PHE A 256 6.34 -19.54 -12.06
C PHE A 256 5.59 -20.35 -11.09
N PRO A 257 6.02 -21.65 -10.91
CA PRO A 257 5.22 -22.42 -9.96
C PRO A 257 5.25 -22.04 -8.51
N LYS A 258 6.44 -21.84 -7.97
CA LYS A 258 6.55 -21.44 -6.57
C LYS A 258 5.73 -20.18 -6.28
N ALA A 259 5.67 -19.26 -7.28
CA ALA A 259 4.89 -18.03 -7.23
C ALA A 259 3.40 -18.38 -7.25
N ARG A 260 3.01 -19.42 -8.04
CA ARG A 260 1.63 -19.87 -8.12
C ARG A 260 1.19 -20.47 -6.78
N ASP A 261 2.06 -21.30 -6.19
CA ASP A 261 1.82 -21.98 -4.91
C ASP A 261 1.64 -21.02 -3.78
N LEU A 262 2.34 -19.86 -3.82
CA LEU A 262 2.22 -18.83 -2.79
C LEU A 262 0.88 -18.08 -2.93
N VAL A 263 0.51 -17.76 -4.20
CA VAL A 263 -0.73 -17.07 -4.54
C VAL A 263 -1.91 -17.96 -4.14
N GLU A 264 -1.74 -19.27 -4.29
CA GLU A 264 -2.73 -20.28 -3.90
C GLU A 264 -2.96 -20.31 -2.37
N LYS A 265 -1.92 -20.05 -1.58
CA LYS A 265 -2.00 -20.04 -0.11
C LYS A 265 -2.48 -18.70 0.46
N LEU A 266 -2.60 -17.66 -0.41
CA LEU A 266 -3.10 -16.33 -0.06
C LEU A 266 -4.54 -16.07 -0.59
N LEU A 267 -4.86 -16.50 -1.81
CA LEU A 267 -6.22 -16.30 -2.33
C LEU A 267 -7.13 -17.48 -1.95
N VAL A 268 -7.22 -17.66 -0.63
CA VAL A 268 -8.00 -18.65 0.09
C VAL A 268 -9.29 -17.94 0.52
N LEU A 269 -10.48 -18.55 0.30
CA LEU A 269 -11.72 -17.89 0.72
C LEU A 269 -11.84 -17.79 2.26
N ASP A 270 -11.46 -18.86 3.01
CA ASP A 270 -11.48 -18.81 4.48
C ASP A 270 -10.31 -17.92 4.93
N ALA A 271 -10.65 -16.75 5.47
CA ALA A 271 -9.68 -15.75 5.91
C ALA A 271 -8.67 -16.25 6.96
N THR A 272 -9.11 -17.16 7.82
CA THR A 272 -8.27 -17.73 8.88
C THR A 272 -7.27 -18.75 8.33
N LYS A 273 -7.41 -19.10 7.03
CA LYS A 273 -6.56 -20.10 6.36
C LYS A 273 -5.59 -19.48 5.35
N ARG A 274 -5.30 -18.18 5.47
CA ARG A 274 -4.34 -17.47 4.63
C ARG A 274 -2.94 -17.53 5.20
N LEU A 275 -1.92 -17.68 4.34
CA LEU A 275 -0.53 -17.74 4.78
C LEU A 275 -0.09 -16.33 5.22
N GLY A 276 0.34 -16.18 6.47
CA GLY A 276 0.75 -14.88 7.00
C GLY A 276 -0.08 -14.39 8.18
N CYS A 277 -1.32 -14.89 8.34
CA CYS A 277 -2.23 -14.48 9.42
C CYS A 277 -1.97 -15.16 10.79
N GLU A 278 -2.57 -14.61 11.88
CA GLU A 278 -2.44 -15.09 13.26
C GLU A 278 -2.88 -16.55 13.45
N GLU A 279 -4.02 -16.93 12.83
CA GLU A 279 -4.59 -18.28 12.86
C GLU A 279 -3.71 -19.28 12.11
N MET A 280 -2.83 -18.78 11.25
CA MET A 280 -1.87 -19.58 10.47
C MET A 280 -0.46 -19.32 11.04
N GLU A 281 -0.42 -18.95 12.34
CA GLU A 281 0.76 -18.72 13.19
C GLU A 281 1.74 -17.61 12.67
N GLY A 282 1.18 -16.56 12.09
CA GLY A 282 1.92 -15.37 11.66
C GLY A 282 2.73 -15.45 10.39
N TYR A 283 3.65 -14.46 10.26
CA TYR A 283 4.54 -14.14 9.13
C TYR A 283 5.71 -15.08 8.90
N GLY A 284 6.14 -15.81 9.93
CA GLY A 284 7.23 -16.78 9.85
C GLY A 284 7.03 -17.79 8.73
N PRO A 285 5.95 -18.60 8.80
CA PRO A 285 5.63 -19.51 7.70
C PRO A 285 5.54 -18.89 6.31
N LEU A 286 5.09 -17.61 6.22
CA LEU A 286 4.99 -16.87 4.98
C LEU A 286 6.39 -16.60 4.42
N LYS A 287 7.29 -16.06 5.24
CA LYS A 287 8.67 -15.77 4.85
C LYS A 287 9.42 -17.07 4.56
N ALA A 288 9.01 -18.17 5.25
CA ALA A 288 9.56 -19.52 5.15
C ALA A 288 9.21 -20.22 3.84
N HIS A 289 8.22 -19.71 3.08
CA HIS A 289 7.74 -20.27 1.82
C HIS A 289 8.87 -20.48 0.79
N PRO A 290 8.80 -21.57 -0.03
CA PRO A 290 9.82 -21.81 -1.07
C PRO A 290 10.08 -20.69 -2.05
N PHE A 291 9.07 -19.84 -2.35
CA PHE A 291 9.24 -18.72 -3.29
C PHE A 291 10.21 -17.63 -2.76
N PHE A 292 10.46 -17.63 -1.45
CA PHE A 292 11.39 -16.69 -0.83
C PHE A 292 12.69 -17.39 -0.36
N GLU A 293 12.96 -18.62 -0.86
CA GLU A 293 14.12 -19.45 -0.47
C GLU A 293 15.46 -18.70 -0.51
N SER A 294 15.66 -17.90 -1.57
CA SER A 294 16.86 -17.11 -1.84
C SER A 294 16.72 -15.65 -1.38
N VAL A 295 15.95 -15.39 -0.31
CA VAL A 295 15.73 -14.01 0.15
C VAL A 295 16.41 -13.77 1.49
N THR A 296 17.21 -12.68 1.58
CA THR A 296 17.82 -12.23 2.84
C THR A 296 16.87 -11.17 3.43
N TRP A 297 15.89 -11.66 4.19
CA TRP A 297 14.83 -10.90 4.83
C TRP A 297 15.29 -9.75 5.73
N GLU A 298 16.48 -9.95 6.29
CA GLU A 298 17.21 -9.17 7.25
C GLU A 298 17.55 -7.74 6.81
N ASN A 299 18.00 -7.50 5.56
CA ASN A 299 18.45 -6.14 5.17
C ASN A 299 17.93 -5.59 3.85
N LEU A 300 16.74 -6.02 3.43
CA LEU A 300 16.12 -5.66 2.14
C LEU A 300 16.25 -4.22 1.66
N HIS A 301 16.08 -3.21 2.55
CA HIS A 301 16.12 -1.81 2.10
C HIS A 301 17.54 -1.30 1.82
N GLN A 302 18.55 -2.05 2.25
CA GLN A 302 19.96 -1.76 2.02
C GLN A 302 20.38 -2.46 0.71
N GLN A 303 19.62 -3.50 0.30
CA GLN A 303 19.88 -4.29 -0.92
C GLN A 303 19.65 -3.47 -2.18
N THR A 304 20.50 -3.67 -3.24
CA THR A 304 20.39 -2.96 -4.52
C THR A 304 19.28 -3.64 -5.34
N PRO A 305 18.13 -2.95 -5.58
CA PRO A 305 17.03 -3.60 -6.33
C PRO A 305 17.37 -4.12 -7.73
N PRO A 306 16.71 -5.22 -8.15
CA PRO A 306 16.93 -5.74 -9.51
C PRO A 306 16.35 -4.80 -10.58
N LYS A 307 17.17 -4.54 -11.59
CA LYS A 307 16.83 -3.70 -12.74
C LYS A 307 15.58 -4.25 -13.39
N LEU A 308 14.57 -3.37 -13.58
CA LEU A 308 13.29 -3.74 -14.17
C LEU A 308 13.40 -3.84 -15.69
N THR A 309 13.81 -5.06 -16.11
CA THR A 309 14.10 -5.62 -17.45
C THR A 309 14.69 -4.55 -18.40
C1 63L B . 3.12 10.69 -3.39
C2 63L B . 3.04 10.57 -2.02
C3 63L B . 1.75 10.52 -3.88
N6 63L B . 4.11 10.64 -1.16
C11 63L B . 1.16 10.20 -0.51
C12 63L B . 0.41 8.96 -5.72
C4 63L B . 4.36 10.94 -4.16
N5 63L B . 1.72 10.37 -1.71
N7 63L B . 0.97 10.35 -2.87
S8 63L B . 1.10 10.62 -5.49
N9 63L B . 4.33 11.13 -5.49
O10 63L B . 5.43 11.00 -3.57
N13 63L B . -0.18 10.01 -0.40
O14 63L B . 1.85 10.21 0.49
S SO4 C . -1.69 21.41 13.07
O1 SO4 C . -2.43 20.85 11.93
O2 SO4 C . -1.35 22.83 12.82
O3 SO4 C . -0.49 20.61 13.29
O4 SO4 C . -2.52 21.33 14.26
#